data_1GHA
#
_entry.id   1GHA
#
_cell.length_a   69.600
_cell.length_b   69.600
_cell.length_c   97.510
_cell.angle_alpha   90.00
_cell.angle_beta   90.00
_cell.angle_gamma   90.00
#
_symmetry.space_group_name_H-M   'P 42 21 2'
#
loop_
_entity.id
_entity.type
_entity.pdbx_description
1 polymer 'GAMMA-CHYMOTRYPSIN A'
2 polymer 'GAMMA-CHYMOTRYPSIN A'
3 polymer 'GAMMA-CHYMOTRYPSIN A'
4 polymer 'PRO GLY VAL TYR PEPTIDE'
5 non-polymer 'SULFATE ION'
6 non-polymer 'ISOPROPYL ALCOHOL'
7 water water
#
loop_
_entity_poly.entity_id
_entity_poly.type
_entity_poly.pdbx_seq_one_letter_code
_entity_poly.pdbx_strand_id
1 'polypeptide(L)' CGVPAIQPVLSGL E
2 'polypeptide(L)'
;IVNGEEAVPGSWPWQVSLQDKTGFHFCGGSLINENWVVTAAHCGVTTSDVVVAGEFDQGSSSEKIQKLKIAKVFKNSKYN
SLTINNDITLLKLSTAASFSQTVSAVCLPSASDDFAAGTTCVTTGWGLTRY
;
F
3 'polypeptide(L)'
;ANTPDRLQQASLPLLSNTNCKKYWGTKIKDAMICAGASGVSSCMGDSGGPLVCKKNGAWTLVGIVSWGSSTCSTSTPGVY
ARVTALVNWVQQTLAAN
;
G
4 'polypeptide(L)' PGVY P
#
loop_
_chem_comp.id
_chem_comp.type
_chem_comp.name
_chem_comp.formula
IPA non-polymer 'ISOPROPYL ALCOHOL' 'C3 H8 O'
SO4 non-polymer 'SULFATE ION' 'O4 S -2'
#
# COMPACT_ATOMS: atom_id res chain seq x y z
N CYS A 1 13.95 -1.05 9.85
CA CYS A 1 12.84 -0.80 8.86
C CYS A 1 12.60 0.70 8.73
N GLY A 2 11.81 1.06 7.73
CA GLY A 2 11.44 2.44 7.51
C GLY A 2 12.47 3.50 7.13
N VAL A 3 13.75 3.12 7.00
CA VAL A 3 14.74 4.13 6.60
C VAL A 3 15.51 3.66 5.36
N PRO A 4 15.05 4.09 4.18
CA PRO A 4 15.63 3.78 2.86
C PRO A 4 17.08 4.19 2.62
N ALA A 5 17.82 3.30 1.96
CA ALA A 5 19.21 3.57 1.61
C ALA A 5 19.29 4.75 0.61
N ILE A 6 18.27 4.88 -0.25
CA ILE A 6 18.15 5.96 -1.23
C ILE A 6 17.04 6.82 -0.63
N GLN A 7 17.38 8.01 -0.15
CA GLN A 7 16.39 8.89 0.48
C GLN A 7 15.38 9.51 -0.52
N PRO A 8 14.07 9.43 -0.20
CA PRO A 8 13.05 10.00 -1.08
C PRO A 8 13.02 11.55 -1.05
N VAL A 9 12.62 12.16 -2.17
CA VAL A 9 12.55 13.63 -2.31
C VAL A 9 11.13 14.02 -2.71
N LEU A 10 10.51 14.89 -1.90
CA LEU A 10 9.12 15.34 -2.15
C LEU A 10 8.97 16.79 -2.66
N SER A 11 8.71 16.94 -3.89
N ILE B 1 -1.78 7.05 -8.97
CA ILE B 1 -1.97 8.23 -8.11
C ILE B 1 -2.19 9.41 -9.03
N VAL B 2 -3.41 9.92 -9.05
CA VAL B 2 -3.76 11.06 -9.87
C VAL B 2 -3.13 12.29 -9.24
N ASN B 3 -2.40 13.02 -10.07
CA ASN B 3 -1.75 14.27 -9.66
C ASN B 3 -0.53 14.08 -8.76
N GLY B 4 0.21 13.01 -9.00
CA GLY B 4 1.39 12.76 -8.21
C GLY B 4 2.61 13.15 -9.01
N GLU B 5 3.78 12.71 -8.54
CA GLU B 5 5.03 13.00 -9.22
C GLU B 5 5.75 11.69 -9.34
N GLU B 6 6.80 11.71 -10.14
CA GLU B 6 7.65 10.55 -10.35
C GLU B 6 8.50 10.52 -9.08
N ALA B 7 8.83 9.33 -8.60
CA ALA B 7 9.64 9.14 -7.39
C ALA B 7 11.14 9.00 -7.70
N VAL B 8 11.98 9.13 -6.68
CA VAL B 8 13.41 8.93 -6.89
C VAL B 8 13.51 7.39 -6.92
N PRO B 9 14.12 6.83 -7.98
CA PRO B 9 14.32 5.39 -8.20
C PRO B 9 14.97 4.73 -7.00
N GLY B 10 14.25 3.79 -6.38
CA GLY B 10 14.78 3.10 -5.21
C GLY B 10 14.52 3.76 -3.87
N SER B 11 13.89 4.94 -3.89
CA SER B 11 13.58 5.71 -2.69
C SER B 11 12.53 5.07 -1.75
N TRP B 12 11.64 4.24 -2.29
CA TRP B 12 10.62 3.53 -1.52
C TRP B 12 10.91 2.03 -1.70
N PRO B 13 11.94 1.51 -1.02
CA PRO B 13 12.38 0.11 -1.09
C PRO B 13 11.39 -1.00 -0.75
N TRP B 14 10.32 -0.69 -0.01
CA TRP B 14 9.36 -1.72 0.37
C TRP B 14 8.22 -1.93 -0.64
N GLN B 15 8.03 -0.94 -1.50
CA GLN B 15 6.98 -0.98 -2.52
C GLN B 15 7.21 -2.15 -3.48
N VAL B 16 6.17 -2.95 -3.68
CA VAL B 16 6.26 -4.07 -4.60
C VAL B 16 5.11 -3.95 -5.56
N SER B 17 5.17 -4.75 -6.62
CA SER B 17 4.14 -4.77 -7.64
C SER B 17 3.65 -6.20 -7.79
N LEU B 18 2.35 -6.40 -7.63
CA LEU B 18 1.77 -7.72 -7.80
C LEU B 18 1.36 -7.84 -9.28
N GLN B 19 1.90 -8.83 -9.97
CA GLN B 19 1.60 -9.02 -11.37
C GLN B 19 1.15 -10.45 -11.62
N ASP B 20 0.15 -10.60 -12.47
CA ASP B 20 -0.31 -11.93 -12.83
C ASP B 20 0.69 -12.57 -13.81
N LYS B 21 0.54 -13.85 -14.16
CA LYS B 21 1.46 -14.51 -15.08
C LYS B 21 1.44 -14.00 -16.53
N THR B 22 0.63 -12.97 -16.76
CA THR B 22 0.48 -12.31 -18.03
C THR B 22 1.45 -11.12 -18.03
N GLY B 23 1.87 -10.73 -16.82
CA GLY B 23 2.80 -9.62 -16.65
C GLY B 23 2.07 -8.36 -16.20
N PHE B 24 0.73 -8.45 -16.16
CA PHE B 24 -0.10 -7.32 -15.79
C PHE B 24 -0.11 -6.95 -14.30
N HIS B 25 0.39 -5.74 -14.04
CA HIS B 25 0.43 -5.15 -12.71
C HIS B 25 -1.01 -4.84 -12.33
N PHE B 26 -1.50 -5.47 -11.27
CA PHE B 26 -2.87 -5.25 -10.87
C PHE B 26 -3.03 -4.59 -9.50
N CYS B 27 -2.03 -4.75 -8.62
CA CYS B 27 -2.05 -4.17 -7.27
C CYS B 27 -0.64 -3.88 -6.78
N GLY B 28 -0.56 -3.14 -5.67
CA GLY B 28 0.73 -2.82 -5.08
C GLY B 28 0.87 -3.61 -3.80
N GLY B 29 1.96 -3.41 -3.07
CA GLY B 29 2.13 -4.11 -1.82
C GLY B 29 3.32 -3.56 -1.07
N SER B 30 3.46 -3.97 0.18
CA SER B 30 4.56 -3.53 1.04
C SER B 30 5.27 -4.67 1.77
N LEU B 31 6.59 -4.70 1.62
CA LEU B 31 7.47 -5.68 2.26
C LEU B 31 7.64 -5.33 3.74
N ILE B 32 7.33 -6.29 4.62
CA ILE B 32 7.49 -6.06 6.06
C ILE B 32 8.72 -6.82 6.62
N ASN B 33 9.28 -7.68 5.79
CA ASN B 33 10.48 -8.46 6.07
C ASN B 33 10.80 -9.28 4.81
N GLU B 34 11.91 -9.99 4.80
CA GLU B 34 12.26 -10.75 3.59
C GLU B 34 11.31 -11.87 3.17
N ASN B 35 10.43 -12.32 4.06
CA ASN B 35 9.50 -13.38 3.69
C ASN B 35 8.00 -13.00 3.64
N TRP B 36 7.65 -11.78 4.06
CA TRP B 36 6.24 -11.34 4.12
C TRP B 36 5.88 -10.06 3.40
N VAL B 37 4.76 -10.11 2.70
CA VAL B 37 4.27 -8.96 1.94
C VAL B 37 2.86 -8.61 2.43
N VAL B 38 2.57 -7.31 2.49
CA VAL B 38 1.25 -6.87 2.90
C VAL B 38 0.60 -6.14 1.74
N THR B 39 -0.63 -6.52 1.44
CA THR B 39 -1.39 -5.90 0.37
C THR B 39 -2.86 -5.91 0.75
N ALA B 40 -3.72 -5.39 -0.13
CA ALA B 40 -5.14 -5.37 0.15
C ALA B 40 -5.75 -6.77 -0.11
N ALA B 41 -6.62 -7.23 0.80
CA ALA B 41 -7.28 -8.54 0.63
C ALA B 41 -8.18 -8.57 -0.62
N HIS B 42 -8.71 -7.40 -1.02
CA HIS B 42 -9.58 -7.30 -2.18
C HIS B 42 -8.87 -7.45 -3.54
N CYS B 43 -7.54 -7.40 -3.48
CA CYS B 43 -6.70 -7.59 -4.67
C CYS B 43 -6.92 -9.01 -5.23
N GLY B 44 -7.38 -9.92 -4.39
CA GLY B 44 -7.67 -11.28 -4.82
C GLY B 44 -6.43 -11.98 -5.34
N VAL B 45 -5.36 -11.86 -4.59
CA VAL B 45 -4.08 -12.49 -4.95
C VAL B 45 -4.19 -14.02 -4.82
N THR B 46 -3.57 -14.71 -5.75
CA THR B 46 -3.56 -16.17 -5.75
C THR B 46 -2.09 -16.59 -5.72
N THR B 47 -1.82 -17.88 -5.54
CA THR B 47 -0.45 -18.35 -5.55
C THR B 47 0.12 -18.40 -6.98
N SER B 48 -0.75 -18.27 -7.98
CA SER B 48 -0.30 -18.26 -9.39
C SER B 48 0.32 -16.91 -9.79
N ASP B 49 0.19 -15.91 -8.93
CA ASP B 49 0.72 -14.56 -9.18
C ASP B 49 2.19 -14.42 -8.74
N VAL B 50 2.74 -13.22 -8.95
CA VAL B 50 4.13 -12.97 -8.60
C VAL B 50 4.30 -11.56 -8.01
N VAL B 51 5.23 -11.48 -7.06
CA VAL B 51 5.56 -10.25 -6.37
C VAL B 51 6.83 -9.72 -6.97
N VAL B 52 6.80 -8.47 -7.42
CA VAL B 52 7.99 -7.86 -7.98
C VAL B 52 8.56 -6.80 -7.04
N ALA B 53 9.83 -7.01 -6.68
CA ALA B 53 10.51 -6.10 -5.79
C ALA B 53 11.73 -5.42 -6.46
N GLY B 54 12.05 -4.20 -6.04
CA GLY B 54 13.20 -3.49 -6.58
C GLY B 54 12.90 -2.96 -7.96
N GLU B 55 11.63 -2.72 -8.26
CA GLU B 55 11.23 -2.24 -9.57
C GLU B 55 10.91 -0.73 -9.49
N PHE B 56 11.23 0.00 -10.55
CA PHE B 56 10.92 1.43 -10.59
C PHE B 56 10.18 1.76 -11.85
N ASP B 57 10.70 1.26 -12.95
CA ASP B 57 10.11 1.49 -14.23
C ASP B 57 9.69 0.13 -14.78
N GLN B 58 8.38 -0.13 -14.70
CA GLN B 58 7.79 -1.38 -15.19
C GLN B 58 8.08 -1.67 -16.66
N GLY B 59 8.52 -0.65 -17.41
CA GLY B 59 8.85 -0.81 -18.82
C GLY B 59 10.33 -0.98 -19.17
N SER B 60 11.20 -0.91 -18.18
CA SER B 60 12.64 -1.06 -18.37
C SER B 60 13.01 -2.52 -18.36
N SER B 61 14.04 -2.87 -19.13
CA SER B 61 14.50 -4.24 -19.20
C SER B 61 15.82 -4.48 -18.45
N SER B 62 16.60 -3.41 -18.25
CA SER B 62 17.87 -3.47 -17.54
C SER B 62 17.78 -3.34 -16.00
N GLU B 63 16.56 -3.46 -15.48
CA GLU B 63 16.36 -3.39 -14.04
C GLU B 63 16.53 -4.75 -13.39
N LYS B 64 17.45 -4.78 -12.42
CA LYS B 64 17.80 -5.97 -11.65
C LYS B 64 16.72 -6.16 -10.59
N ILE B 65 15.49 -6.42 -11.04
CA ILE B 65 14.33 -6.61 -10.16
C ILE B 65 14.27 -8.02 -9.56
N GLN B 66 13.38 -8.24 -8.59
CA GLN B 66 13.25 -9.56 -7.98
C GLN B 66 11.86 -10.12 -8.14
N LYS B 67 11.73 -11.12 -9.00
CA LYS B 67 10.44 -11.75 -9.24
C LYS B 67 10.26 -12.84 -8.17
N LEU B 68 9.39 -12.58 -7.20
CA LEU B 68 9.16 -13.49 -6.09
C LEU B 68 7.86 -14.30 -6.13
N LYS B 69 8.00 -15.63 -5.91
CA LYS B 69 6.88 -16.57 -5.89
C LYS B 69 6.16 -16.62 -4.52
N ILE B 70 4.82 -16.63 -4.58
CA ILE B 70 3.95 -16.66 -3.40
C ILE B 70 3.68 -18.05 -2.85
N ALA B 71 4.08 -18.33 -1.62
CA ALA B 71 3.77 -19.63 -1.07
C ALA B 71 2.29 -19.67 -0.60
N LYS B 72 1.92 -18.75 0.30
CA LYS B 72 0.55 -18.71 0.83
C LYS B 72 -0.10 -17.35 0.99
N VAL B 73 -1.38 -17.29 0.63
CA VAL B 73 -2.14 -16.06 0.76
C VAL B 73 -2.88 -16.15 2.10
N PHE B 74 -2.66 -15.18 2.98
CA PHE B 74 -3.31 -15.14 4.28
C PHE B 74 -4.26 -13.97 4.31
N LYS B 75 -5.52 -14.26 3.97
CA LYS B 75 -6.58 -13.28 3.97
C LYS B 75 -7.07 -13.13 5.41
N ASN B 76 -7.07 -11.89 5.91
CA ASN B 76 -7.52 -11.60 7.26
C ASN B 76 -8.98 -12.09 7.41
N SER B 77 -9.21 -13.02 8.34
CA SER B 77 -10.54 -13.59 8.56
C SER B 77 -11.67 -12.55 8.86
N LYS B 78 -11.30 -11.37 9.35
CA LYS B 78 -12.27 -10.31 9.65
C LYS B 78 -12.70 -9.66 8.33
N TYR B 79 -11.89 -9.85 7.29
CA TYR B 79 -12.20 -9.28 5.99
C TYR B 79 -13.65 -9.47 5.55
N ASN B 80 -14.30 -8.34 5.31
CA ASN B 80 -15.68 -8.31 4.90
C ASN B 80 -15.72 -7.75 3.51
N SER B 81 -15.91 -8.67 2.56
CA SER B 81 -15.97 -8.37 1.13
C SER B 81 -17.13 -7.45 0.72
N LEU B 82 -18.20 -7.44 1.50
CA LEU B 82 -19.35 -6.61 1.20
C LEU B 82 -19.13 -5.19 1.64
N THR B 83 -18.35 -5.01 2.69
CA THR B 83 -18.07 -3.67 3.20
C THR B 83 -16.63 -3.18 2.88
N ILE B 84 -15.79 -4.13 2.47
CA ILE B 84 -14.37 -3.89 2.16
C ILE B 84 -13.70 -3.45 3.47
N ASN B 85 -14.21 -3.91 4.60
CA ASN B 85 -13.61 -3.55 5.88
C ASN B 85 -12.57 -4.59 6.24
N ASN B 86 -11.52 -4.17 6.96
CA ASN B 86 -10.39 -5.05 7.37
C ASN B 86 -9.76 -5.58 6.09
N ASP B 87 -9.45 -4.66 5.17
CA ASP B 87 -8.91 -5.02 3.85
C ASP B 87 -7.41 -5.27 3.85
N ILE B 88 -7.04 -6.44 4.37
CA ILE B 88 -5.63 -6.81 4.48
C ILE B 88 -5.35 -8.32 4.31
N THR B 89 -4.27 -8.62 3.61
CA THR B 89 -3.84 -9.98 3.39
C THR B 89 -2.36 -9.97 3.46
N LEU B 90 -1.84 -11.04 4.02
CA LEU B 90 -0.43 -11.24 4.13
C LEU B 90 -0.12 -12.25 3.04
N LEU B 91 1.04 -12.08 2.43
CA LEU B 91 1.48 -13.01 1.41
C LEU B 91 2.78 -13.56 1.93
N LYS B 92 2.78 -14.87 2.13
CA LYS B 92 3.95 -15.59 2.59
C LYS B 92 4.75 -16.01 1.33
N LEU B 93 5.95 -15.46 1.17
CA LEU B 93 6.81 -15.75 0.03
C LEU B 93 7.49 -17.10 0.17
N SER B 94 7.51 -17.86 -0.92
CA SER B 94 8.17 -19.16 -0.89
C SER B 94 9.68 -18.88 -1.00
N THR B 95 10.00 -17.87 -1.79
CA THR B 95 11.38 -17.45 -1.99
C THR B 95 11.56 -16.05 -1.34
N ALA B 96 12.32 -16.01 -0.24
CA ALA B 96 12.58 -14.75 0.48
C ALA B 96 13.32 -13.68 -0.33
N ALA B 97 12.85 -12.45 -0.22
CA ALA B 97 13.44 -11.31 -0.90
C ALA B 97 14.92 -11.13 -0.46
N SER B 98 15.69 -10.42 -1.27
CA SER B 98 17.07 -10.18 -0.96
C SER B 98 17.13 -8.68 -0.67
N PHE B 99 17.29 -8.32 0.61
CA PHE B 99 17.35 -6.92 0.99
C PHE B 99 18.62 -6.26 0.47
N SER B 100 18.49 -5.01 0.02
CA SER B 100 19.63 -4.31 -0.52
C SER B 100 19.38 -2.80 -0.44
N GLN B 101 20.05 -2.02 -1.27
CA GLN B 101 19.88 -0.58 -1.28
C GLN B 101 18.50 -0.19 -1.88
N THR B 102 17.89 -1.12 -2.61
CA THR B 102 16.60 -0.87 -3.21
C THR B 102 15.50 -1.83 -2.72
N VAL B 103 15.81 -2.68 -1.75
CA VAL B 103 14.82 -3.60 -1.27
C VAL B 103 14.89 -3.74 0.23
N SER B 104 13.87 -3.27 0.93
CA SER B 104 13.83 -3.35 2.38
C SER B 104 12.42 -3.29 2.99
N ALA B 105 12.34 -3.40 4.31
CA ALA B 105 11.04 -3.40 4.99
C ALA B 105 10.58 -2.05 5.52
N VAL B 106 9.28 -1.85 5.52
CA VAL B 106 8.66 -0.65 6.07
C VAL B 106 8.35 -1.08 7.52
N CYS B 107 8.29 -0.11 8.42
CA CYS B 107 7.96 -0.41 9.81
C CYS B 107 6.44 -0.51 9.97
N LEU B 108 6.03 -1.25 10.99
CA LEU B 108 4.63 -1.43 11.34
C LEU B 108 4.43 -0.68 12.65
N PRO B 109 3.28 -0.03 12.83
CA PRO B 109 2.99 0.73 14.06
C PRO B 109 2.51 -0.13 15.25
N SER B 110 2.41 0.49 16.42
CA SER B 110 1.87 -0.21 17.59
C SER B 110 0.39 -0.16 17.41
N ALA B 111 -0.31 -1.15 17.94
CA ALA B 111 -1.76 -1.13 17.84
C ALA B 111 -2.24 0.21 18.45
N SER B 112 -1.43 0.72 19.38
CA SER B 112 -1.69 1.96 20.11
C SER B 112 -1.14 3.25 19.46
N ASP B 113 -0.49 3.16 18.30
CA ASP B 113 0.07 4.36 17.67
C ASP B 113 -1.00 5.34 17.27
N ASP B 114 -0.65 6.61 17.32
CA ASP B 114 -1.56 7.67 16.99
C ASP B 114 -1.11 8.42 15.76
N PHE B 115 -2.05 8.63 14.85
CA PHE B 115 -1.75 9.37 13.65
C PHE B 115 -2.86 10.41 13.47
N ALA B 116 -2.58 11.59 14.05
CA ALA B 116 -3.51 12.72 14.04
C ALA B 116 -3.88 13.25 12.65
N ALA B 117 -5.12 13.71 12.51
CA ALA B 117 -5.61 14.30 11.26
C ALA B 117 -4.78 15.57 11.06
N GLY B 118 -4.39 15.82 9.82
CA GLY B 118 -3.58 16.99 9.54
C GLY B 118 -2.17 16.56 9.21
N THR B 119 -1.78 15.39 9.70
CA THR B 119 -0.46 14.88 9.41
C THR B 119 -0.34 14.54 7.94
N THR B 120 0.67 15.14 7.31
CA THR B 120 0.94 14.87 5.92
C THR B 120 1.71 13.59 5.90
N CYS B 121 1.26 12.67 5.04
CA CYS B 121 1.88 11.36 4.86
C CYS B 121 2.09 11.16 3.35
N VAL B 122 2.66 10.02 2.97
CA VAL B 122 2.97 9.75 1.56
C VAL B 122 2.38 8.43 1.07
N THR B 123 1.83 8.42 -0.13
CA THR B 123 1.29 7.18 -0.69
C THR B 123 2.00 6.97 -2.01
N THR B 124 2.26 5.72 -2.37
CA THR B 124 2.96 5.43 -3.64
C THR B 124 2.28 4.36 -4.49
N GLY B 125 2.76 4.16 -5.72
CA GLY B 125 2.16 3.14 -6.56
C GLY B 125 2.22 3.36 -8.06
N TRP B 126 1.76 2.35 -8.80
CA TRP B 126 1.72 2.40 -10.25
C TRP B 126 0.28 2.50 -10.77
N GLY B 127 -0.62 2.96 -9.89
CA GLY B 127 -2.00 3.14 -10.27
C GLY B 127 -2.19 4.23 -11.30
N LEU B 128 -3.37 4.27 -11.91
CA LEU B 128 -3.70 5.28 -12.92
C LEU B 128 -3.36 6.71 -12.46
N THR B 129 -2.68 7.45 -13.33
CA THR B 129 -2.34 8.85 -13.03
C THR B 129 -3.44 9.75 -13.60
N ARG B 130 -4.41 9.11 -14.22
CA ARG B 130 -5.54 9.77 -14.85
C ARG B 130 -6.62 8.75 -15.12
N TYR B 131 -7.86 9.15 -14.83
CA TYR B 131 -9.01 8.31 -15.10
C TYR B 131 -9.61 8.91 -16.37
N THR C 3 -2.01 4.10 -16.89
CA THR C 3 -1.08 3.32 -16.00
C THR C 3 0.38 3.70 -16.29
N PRO C 4 1.04 4.46 -15.37
CA PRO C 4 2.45 4.86 -15.56
C PRO C 4 3.47 3.71 -15.46
N ASP C 5 4.53 3.82 -16.25
CA ASP C 5 5.61 2.83 -16.26
C ASP C 5 6.40 2.91 -14.97
N ARG C 6 6.60 4.12 -14.46
CA ARG C 6 7.39 4.27 -13.26
C ARG C 6 6.60 4.76 -12.09
N LEU C 7 7.09 4.35 -10.93
CA LEU C 7 6.51 4.64 -9.62
C LEU C 7 6.23 6.11 -9.29
N GLN C 8 4.96 6.37 -8.94
CA GLN C 8 4.53 7.69 -8.56
C GLN C 8 4.47 7.79 -7.03
N GLN C 9 4.50 9.01 -6.54
CA GLN C 9 4.47 9.29 -5.10
C GLN C 9 3.62 10.54 -4.94
N ALA C 10 3.06 10.71 -3.75
CA ALA C 10 2.28 11.88 -3.41
C ALA C 10 2.15 12.03 -1.91
N SER C 11 2.23 13.30 -1.48
CA SER C 11 2.08 13.63 -0.07
C SER C 11 0.61 14.00 0.13
N LEU C 12 0.05 13.67 1.28
CA LEU C 12 -1.34 13.98 1.52
C LEU C 12 -1.69 13.96 3.00
N PRO C 13 -2.65 14.78 3.41
CA PRO C 13 -3.08 14.85 4.80
C PRO C 13 -4.06 13.73 5.22
N LEU C 14 -3.95 13.30 6.49
CA LEU C 14 -4.86 12.30 7.04
C LEU C 14 -6.09 13.09 7.54
N LEU C 15 -7.26 12.46 7.51
CA LEU C 15 -8.47 13.11 7.99
C LEU C 15 -8.97 12.28 9.17
N SER C 16 -9.93 12.82 9.92
CA SER C 16 -10.53 12.09 11.03
C SER C 16 -11.65 11.27 10.39
N ASN C 17 -12.01 10.16 11.00
CA ASN C 17 -13.09 9.33 10.46
C ASN C 17 -14.38 10.15 10.35
N THR C 18 -14.71 10.89 11.41
CA THR C 18 -15.91 11.72 11.49
C THR C 18 -16.00 12.72 10.33
N ASN C 19 -14.92 13.46 10.11
CA ASN C 19 -14.85 14.43 9.02
C ASN C 19 -14.98 13.67 7.67
N CYS C 20 -14.42 12.45 7.63
CA CYS C 20 -14.49 11.61 6.43
C CYS C 20 -15.93 11.12 6.15
N LYS C 21 -16.67 10.84 7.23
CA LYS C 21 -18.05 10.36 7.12
C LYS C 21 -18.96 11.38 6.43
N LYS C 22 -18.52 12.64 6.41
CA LYS C 22 -19.27 13.70 5.73
C LYS C 22 -19.27 13.44 4.22
N TYR C 23 -18.19 12.81 3.75
CA TYR C 23 -18.02 12.47 2.34
C TYR C 23 -18.63 11.11 2.04
N TRP C 24 -18.32 10.14 2.90
CA TRP C 24 -18.76 8.77 2.72
C TRP C 24 -19.91 8.20 3.53
N GLY C 25 -20.33 8.91 4.58
CA GLY C 25 -21.42 8.40 5.40
C GLY C 25 -21.02 7.19 6.24
N THR C 26 -21.93 6.20 6.30
CA THR C 26 -21.74 4.98 7.10
C THR C 26 -20.87 3.88 6.44
N LYS C 27 -20.21 4.22 5.33
CA LYS C 27 -19.33 3.27 4.65
C LYS C 27 -18.02 3.23 5.42
N ILE C 28 -17.59 4.38 5.96
CA ILE C 28 -16.36 4.51 6.74
C ILE C 28 -16.43 3.69 8.06
N LYS C 29 -15.70 2.58 8.11
CA LYS C 29 -15.70 1.71 9.29
C LYS C 29 -14.49 1.98 10.18
N ASP C 30 -14.48 1.40 11.39
CA ASP C 30 -13.35 1.58 12.33
C ASP C 30 -11.98 1.13 11.83
N ALA C 31 -11.92 0.07 11.03
CA ALA C 31 -10.63 -0.37 10.53
C ALA C 31 -10.26 0.36 9.22
N MET C 32 -10.85 1.52 9.00
CA MET C 32 -10.57 2.36 7.81
C MET C 32 -10.10 3.73 8.28
N ILE C 33 -9.18 4.32 7.49
CA ILE C 33 -8.61 5.64 7.74
C ILE C 33 -8.61 6.38 6.40
N CYS C 34 -9.07 7.62 6.43
CA CYS C 34 -9.14 8.46 5.25
C CYS C 34 -7.94 9.41 5.08
N ALA C 35 -7.63 9.71 3.82
CA ALA C 35 -6.53 10.61 3.45
C ALA C 35 -6.78 11.15 2.03
N GLY C 36 -6.34 12.37 1.79
CA GLY C 36 -6.54 12.96 0.48
C GLY C 36 -7.45 14.18 0.46
N ALA C 37 -8.22 14.34 -0.62
CA ALA C 37 -9.12 15.49 -0.80
C ALA C 37 -8.23 16.76 -0.71
N SER C 38 -7.00 16.59 -1.14
CA SER C 38 -5.98 17.63 -1.06
C SER C 38 -5.43 18.10 -2.40
N GLY C 39 -5.98 17.59 -3.50
CA GLY C 39 -5.50 17.93 -4.82
C GLY C 39 -4.85 16.72 -5.51
N VAL C 40 -4.68 15.63 -4.76
CA VAL C 40 -4.09 14.40 -5.27
C VAL C 40 -5.08 13.28 -4.97
N SER C 41 -4.84 12.09 -5.52
CA SER C 41 -5.76 10.99 -5.28
C SER C 41 -5.20 9.64 -5.71
N SER C 42 -5.37 8.62 -4.86
CA SER C 42 -4.95 7.25 -5.21
C SER C 42 -5.98 6.80 -6.25
N CYS C 43 -5.67 5.79 -7.05
CA CYS C 43 -6.60 5.39 -8.10
C CYS C 43 -6.44 3.91 -8.43
N MET C 44 -7.20 3.39 -9.40
CA MET C 44 -7.13 1.98 -9.80
C MET C 44 -5.71 1.48 -10.10
N GLY C 45 -5.30 0.42 -9.41
CA GLY C 45 -3.98 -0.16 -9.57
C GLY C 45 -3.07 0.17 -8.40
N ASP C 46 -3.51 1.10 -7.55
CA ASP C 46 -2.78 1.54 -6.37
C ASP C 46 -3.09 0.67 -5.14
N SER C 47 -4.25 -0.01 -5.17
CA SER C 47 -4.69 -0.89 -4.08
C SER C 47 -3.63 -1.86 -3.59
N GLY C 48 -3.60 -2.06 -2.28
CA GLY C 48 -2.59 -2.93 -1.72
C GLY C 48 -1.34 -2.12 -1.45
N GLY C 49 -1.28 -0.92 -2.03
CA GLY C 49 -0.15 -0.04 -1.83
C GLY C 49 -0.07 0.57 -0.44
N PRO C 50 1.07 1.22 -0.13
CA PRO C 50 1.28 1.84 1.17
C PRO C 50 0.95 3.32 1.32
N LEU C 51 0.55 3.67 2.55
CA LEU C 51 0.27 5.03 2.97
C LEU C 51 1.20 5.07 4.18
N VAL C 52 2.21 5.91 4.11
CA VAL C 52 3.19 6.02 5.19
C VAL C 52 3.37 7.38 5.84
N CYS C 53 3.73 7.31 7.11
CA CYS C 53 3.98 8.51 7.88
C CYS C 53 5.33 8.28 8.55
N LYS C 54 6.12 9.33 8.66
CA LYS C 54 7.41 9.21 9.31
C LYS C 54 7.23 9.46 10.80
N LYS C 55 7.44 8.41 11.60
CA LYS C 55 7.31 8.51 13.05
C LYS C 55 8.72 8.28 13.61
N ASN C 56 9.30 9.30 14.25
CA ASN C 56 10.65 9.19 14.83
C ASN C 56 11.75 8.90 13.78
N GLY C 57 11.65 9.55 12.62
CA GLY C 57 12.67 9.35 11.59
C GLY C 57 12.55 8.12 10.70
N ALA C 58 11.55 7.26 10.95
CA ALA C 58 11.32 6.07 10.15
C ALA C 58 9.91 6.04 9.59
N TRP C 59 9.81 5.63 8.33
CA TRP C 59 8.53 5.51 7.66
C TRP C 59 7.78 4.30 8.20
N THR C 60 6.54 4.53 8.65
CA THR C 60 5.71 3.48 9.22
C THR C 60 4.37 3.34 8.50
N LEU C 61 4.02 2.09 8.18
CA LEU C 61 2.82 1.73 7.46
C LEU C 61 1.56 2.08 8.25
N VAL C 62 0.89 3.15 7.83
CA VAL C 62 -0.31 3.63 8.49
C VAL C 62 -1.56 3.14 7.78
N GLY C 63 -1.49 3.08 6.45
CA GLY C 63 -2.63 2.61 5.69
C GLY C 63 -2.32 1.76 4.46
N ILE C 64 -3.33 1.03 4.02
CA ILE C 64 -3.21 0.19 2.81
C ILE C 64 -4.23 0.72 1.82
N VAL C 65 -3.77 1.16 0.64
CA VAL C 65 -4.68 1.70 -0.39
C VAL C 65 -5.87 0.74 -0.63
N SER C 66 -7.04 1.14 -0.14
CA SER C 66 -8.24 0.34 -0.22
C SER C 66 -9.23 0.74 -1.34
N TRP C 67 -10.05 1.76 -1.12
CA TRP C 67 -11.05 2.18 -2.13
C TRP C 67 -11.25 3.68 -2.13
N GLY C 68 -12.20 4.16 -2.92
CA GLY C 68 -12.48 5.58 -2.97
C GLY C 68 -13.38 5.92 -4.12
N SER C 69 -13.29 7.16 -4.57
CA SER C 69 -14.07 7.71 -5.69
C SER C 69 -13.78 6.87 -6.97
N SER C 70 -14.83 6.53 -7.73
CA SER C 70 -14.67 5.73 -8.95
C SER C 70 -13.97 6.50 -10.09
N THR C 71 -13.95 7.82 -9.95
CA THR C 71 -13.33 8.75 -10.89
C THR C 71 -11.93 9.12 -10.42
N CYS C 72 -11.66 8.86 -9.15
CA CYS C 72 -10.39 9.20 -8.52
C CYS C 72 -10.30 10.70 -8.36
N SER C 73 -11.43 11.26 -7.96
CA SER C 73 -11.55 12.70 -7.72
C SER C 73 -10.58 13.13 -6.62
N THR C 74 -9.82 14.18 -6.89
CA THR C 74 -8.83 14.73 -5.95
C THR C 74 -9.45 15.58 -4.84
N SER C 75 -10.76 15.77 -4.91
CA SER C 75 -11.47 16.55 -3.89
C SER C 75 -12.20 15.58 -2.97
N THR C 76 -12.12 14.30 -3.31
CA THR C 76 -12.78 13.29 -2.51
C THR C 76 -11.67 12.49 -1.83
N PRO C 77 -11.79 12.28 -0.51
CA PRO C 77 -10.82 11.52 0.27
C PRO C 77 -10.79 10.03 -0.07
N GLY C 78 -9.58 9.49 -0.26
CA GLY C 78 -9.41 8.08 -0.57
C GLY C 78 -9.55 7.29 0.73
N VAL C 79 -9.85 6.00 0.63
CA VAL C 79 -10.01 5.18 1.83
C VAL C 79 -8.95 4.09 1.86
N TYR C 80 -8.26 4.00 3.00
CA TYR C 80 -7.19 3.06 3.22
C TYR C 80 -7.48 2.21 4.43
N ALA C 81 -6.95 1.00 4.42
CA ALA C 81 -7.11 0.06 5.51
C ALA C 81 -6.24 0.58 6.67
N ARG C 82 -6.87 0.74 7.84
CA ARG C 82 -6.21 1.24 9.02
C ARG C 82 -5.32 0.17 9.69
N VAL C 83 -4.03 0.16 9.32
CA VAL C 83 -3.04 -0.80 9.83
C VAL C 83 -2.98 -0.90 11.35
N THR C 84 -3.20 0.23 12.03
CA THR C 84 -3.18 0.29 13.50
C THR C 84 -4.17 -0.71 14.13
N ALA C 85 -5.32 -0.91 13.48
CA ALA C 85 -6.37 -1.82 13.96
C ALA C 85 -6.26 -3.21 13.36
N LEU C 86 -5.16 -3.46 12.65
CA LEU C 86 -4.96 -4.73 11.97
C LEU C 86 -3.60 -5.37 12.28
N VAL C 87 -2.69 -4.58 12.85
CA VAL C 87 -1.35 -5.05 13.17
C VAL C 87 -1.33 -6.22 14.14
N ASN C 88 -2.31 -6.29 15.05
CA ASN C 88 -2.34 -7.43 15.98
C ASN C 88 -2.56 -8.75 15.23
N TRP C 89 -3.40 -8.71 14.19
CA TRP C 89 -3.69 -9.89 13.37
C TRP C 89 -2.40 -10.27 12.63
N VAL C 90 -1.71 -9.25 12.12
CA VAL C 90 -0.46 -9.45 11.41
C VAL C 90 0.57 -10.14 12.29
N GLN C 91 0.80 -9.59 13.48
CA GLN C 91 1.75 -10.14 14.44
C GLN C 91 1.45 -11.60 14.79
N GLN C 92 0.18 -11.87 15.03
CA GLN C 92 -0.28 -13.19 15.37
C GLN C 92 0.00 -14.16 14.19
N THR C 93 -0.31 -13.72 12.97
CA THR C 93 -0.09 -14.52 11.76
C THR C 93 1.38 -14.75 11.45
N LEU C 94 2.23 -13.74 11.67
CA LEU C 94 3.67 -13.92 11.42
C LEU C 94 4.22 -14.93 12.42
N ALA C 95 3.81 -14.78 13.68
CA ALA C 95 4.24 -15.64 14.76
C ALA C 95 3.89 -17.11 14.57
N ALA C 96 2.76 -17.40 13.95
CA ALA C 96 2.35 -18.79 13.77
C ALA C 96 2.65 -19.44 12.42
N ASN C 97 3.38 -18.75 11.52
CA ASN C 97 3.68 -19.32 10.19
C ASN C 97 5.12 -19.05 9.72
N PRO D 1 -15.43 -0.46 -11.17
CA PRO D 1 -14.65 -0.57 -9.90
C PRO D 1 -15.26 0.26 -8.78
N GLY D 2 -14.55 1.30 -8.35
CA GLY D 2 -15.01 2.12 -7.24
C GLY D 2 -13.95 1.83 -6.19
N VAL D 3 -13.50 0.58 -6.20
CA VAL D 3 -12.45 0.09 -5.32
C VAL D 3 -11.17 0.20 -6.18
N TYR D 4 -10.02 0.46 -5.56
CA TYR D 4 -8.78 0.66 -6.32
C TYR D 4 -7.91 -0.58 -6.64
S SO4 E . -6.82 -15.65 11.01
O1 SO4 E . -7.36 -14.86 9.89
O2 SO4 E . -5.33 -15.65 10.90
O3 SO4 E . -7.22 -15.04 12.33
O4 SO4 E . -7.32 -17.07 10.91
C1 IPA F . -19.17 7.25 -7.99
C2 IPA F . -18.48 7.80 -6.78
C3 IPA F . -19.41 7.73 -5.55
O2 IPA F . -17.28 7.12 -6.50
#